data_8IPJ
#
_entry.id   8IPJ
#
_cell.length_a   80.958
_cell.length_b   68.185
_cell.length_c   85.556
_cell.angle_alpha   90.00
_cell.angle_beta   100.55
_cell.angle_gamma   90.00
#
_symmetry.space_group_name_H-M   'C 1 2 1'
#
loop_
_entity.id
_entity.type
_entity.pdbx_description
1 polymer MavL
2 polymer Ubiquitin
3 non-polymer '[(2R,3S,4R,5R)-5-(6-AMINOPURIN-9-YL)-3,4-DIHYDROXY-OXOLAN-2-YL]METHYL[HYDROXY-[[(2R,3S,4R,5S)-3,4,5-TRIHYDROXYOXOLAN-2-YL]METHOXY]PHOSPHORYL] HYDROGEN PHOSPHATE'
4 water water
#
loop_
_entity_poly.entity_id
_entity_poly.type
_entity_poly.pdbx_seq_one_letter_code
_entity_poly.pdbx_strand_id
1 'polypeptide(L)'
;MAYQLLLSKETLNKILQYKQNLEKGLATPGKFFLEELSKQEKSISEMDITTFTQLLIQSKKPQVFAESQVYHDGTDWTLE
EESILGDVSVNMPVTMYNDGGHGSSFKNHPKPISGYLAYVPGALLASGSGPTSDMKEVLDNGKLNQDKLNALYERRLLPQ
LIHFNELARQNEKQAAITIPGIGTGCFSGAYYDVIKPYVRNALIHILEKHKDSLPYIDIIHYDPYMGDEPAEKKIGHMSF
RVSPSGVVRGTTGQLDYPLGSNPDTHILVSIVAWAHFSWPGNDYWGGARQTDDGVKAASTDTMGQVTGATGVYDKKWGRY
MPPESFTKDRKGMSDWGDYVRENGIVFNGPVLALDKSGKLDTLE
;
A
2 'polypeptide(L)' GSMQIFVKTLTGKTITLEVEPSDTIENVKAKIQDKEGIPPDQQRLIFAGKQLEDGRTLSDYNIQKESTLHLVLR B
#
loop_
_chem_comp.id
_chem_comp.type
_chem_comp.name
_chem_comp.formula
AR6 non-polymer '[(2R,3S,4R,5R)-5-(6-AMINOPURIN-9-YL)-3,4-DIHYDROXY-OXOLAN-2-YL]METHYL[HYDROXY-[[(2R,3S,4R,5S)-3,4,5-TRIHYDROXYOXOLAN-2-YL]METHOXY]PHOSPHORYL] HYDROGEN PHOSPHATE' 'C15 H23 N5 O14 P2'
#
# COMPACT_ATOMS: atom_id res chain seq x y z
N ALA A 2 9.24 -16.18 3.06
CA ALA A 2 9.17 -15.52 1.76
C ALA A 2 9.11 -14.00 1.89
N TYR A 3 8.43 -13.49 2.90
CA TYR A 3 8.35 -12.06 3.16
C TYR A 3 8.76 -11.79 4.61
N GLN A 4 9.10 -10.52 4.87
CA GLN A 4 9.67 -10.14 6.16
C GLN A 4 8.96 -8.89 6.65
N LEU A 5 8.40 -8.98 7.87
CA LEU A 5 7.71 -7.84 8.47
C LEU A 5 8.70 -7.06 9.32
N LEU A 6 8.61 -5.72 9.28
CA LEU A 6 9.51 -4.86 10.03
C LEU A 6 8.75 -3.73 10.69
N LEU A 7 9.31 -3.22 11.78
CA LEU A 7 8.71 -2.12 12.52
C LEU A 7 9.80 -1.43 13.34
N SER A 8 9.49 -0.20 13.77
CA SER A 8 10.42 0.64 14.50
C SER A 8 10.48 0.23 15.97
N LYS A 9 11.50 0.75 16.66
CA LYS A 9 11.59 0.59 18.11
C LYS A 9 10.41 1.24 18.81
N GLU A 10 9.97 2.39 18.31
CA GLU A 10 8.81 3.07 18.90
C GLU A 10 7.55 2.21 18.78
N THR A 11 7.40 1.53 17.63
CA THR A 11 6.25 0.66 17.43
C THR A 11 6.33 -0.57 18.33
N LEU A 12 7.52 -1.14 18.48
CA LEU A 12 7.69 -2.23 19.44
C LEU A 12 7.28 -1.80 20.84
N ASN A 13 7.66 -0.58 21.25
CA ASN A 13 7.17 -0.10 22.53
C ASN A 13 5.64 -0.03 22.57
N LYS A 14 5.01 0.42 21.48
CA LYS A 14 3.55 0.50 21.43
C LYS A 14 2.92 -0.87 21.57
N ILE A 15 3.56 -1.90 21.02
CA ILE A 15 3.00 -3.24 21.08
C ILE A 15 3.11 -3.80 22.50
N LEU A 16 4.31 -3.69 23.11
CA LEU A 16 4.49 -4.09 24.50
C LEU A 16 3.50 -3.41 25.43
N GLN A 17 3.31 -2.10 25.23
CA GLN A 17 2.33 -1.40 26.05
C GLN A 17 0.91 -1.90 25.77
N TYR A 18 0.59 -2.21 24.51
CA TYR A 18 -0.75 -2.73 24.20
C TYR A 18 -1.00 -4.07 24.89
N LYS A 19 -0.04 -4.99 24.78
CA LYS A 19 -0.18 -6.27 25.46
C LYS A 19 -0.38 -6.07 26.95
N GLN A 20 0.47 -5.26 27.58
CA GLN A 20 0.30 -4.97 29.00
C GLN A 20 -1.05 -4.34 29.28
N ASN A 21 -1.51 -3.45 28.39
CA ASN A 21 -2.79 -2.80 28.61
C ASN A 21 -3.93 -3.80 28.58
N LEU A 22 -3.83 -4.82 27.73
CA LEU A 22 -4.84 -5.87 27.70
C LEU A 22 -4.79 -6.70 28.98
N GLU A 23 -3.58 -7.10 29.38
CA GLU A 23 -3.39 -7.93 30.56
C GLU A 23 -3.83 -7.23 31.84
N LYS A 24 -3.70 -5.91 31.88
CA LYS A 24 -4.15 -5.14 33.03
C LYS A 24 -5.60 -4.66 32.89
N GLY A 25 -6.30 -5.06 31.84
CA GLY A 25 -7.71 -4.72 31.74
C GLY A 25 -8.01 -3.27 31.42
N LEU A 26 -7.02 -2.51 30.93
CA LEU A 26 -7.24 -1.13 30.52
C LEU A 26 -7.76 -1.02 29.09
N ALA A 27 -7.70 -2.09 28.31
CA ALA A 27 -8.20 -2.08 26.93
C ALA A 27 -8.78 -3.45 26.61
N THR A 28 -9.65 -3.48 25.60
CA THR A 28 -10.17 -4.73 25.06
C THR A 28 -9.84 -4.83 23.57
N PRO A 29 -9.55 -6.02 23.06
CA PRO A 29 -9.20 -6.15 21.64
C PRO A 29 -10.37 -5.82 20.73
N GLY A 30 -10.06 -5.24 19.58
CA GLY A 30 -11.06 -5.05 18.56
C GLY A 30 -11.50 -6.38 17.97
N LYS A 31 -12.63 -6.31 17.25
CA LYS A 31 -13.31 -7.51 16.77
C LYS A 31 -12.37 -8.40 15.96
N PHE A 32 -11.61 -7.82 15.03
CA PHE A 32 -10.82 -8.67 14.15
C PHE A 32 -9.57 -9.20 14.84
N PHE A 33 -8.94 -8.40 15.70
CA PHE A 33 -7.90 -8.96 16.57
C PHE A 33 -8.48 -10.05 17.47
N LEU A 34 -9.61 -9.74 18.11
CA LEU A 34 -10.22 -10.74 19.00
C LEU A 34 -10.54 -12.02 18.25
N GLU A 35 -10.94 -11.90 16.99
CA GLU A 35 -11.23 -13.06 16.15
C GLU A 35 -9.98 -13.92 15.93
N GLU A 36 -8.83 -13.30 15.65
CA GLU A 36 -7.61 -14.07 15.52
C GLU A 36 -7.17 -14.62 16.88
N LEU A 37 -7.29 -13.81 17.93
CA LEU A 37 -6.98 -14.29 19.27
C LEU A 37 -7.89 -15.46 19.66
N SER A 38 -9.15 -15.42 19.22
CA SER A 38 -10.11 -16.45 19.61
C SER A 38 -9.74 -17.83 19.07
N LYS A 39 -8.88 -17.91 18.07
CA LYS A 39 -8.47 -19.19 17.51
C LYS A 39 -7.35 -19.84 18.32
N GLN A 40 -6.87 -19.20 19.39
CA GLN A 40 -5.67 -19.62 20.10
C GLN A 40 -6.02 -20.44 21.32
N GLU A 41 -5.15 -21.40 21.63
CA GLU A 41 -5.21 -22.09 22.91
C GLU A 41 -4.64 -21.24 24.04
N LYS A 42 -3.54 -20.53 23.77
CA LYS A 42 -2.93 -19.66 24.75
C LYS A 42 -3.76 -18.40 24.97
N SER A 43 -3.85 -17.95 26.22
CA SER A 43 -4.36 -16.60 26.46
C SER A 43 -3.31 -15.56 26.05
N ILE A 44 -3.71 -14.29 26.15
CA ILE A 44 -2.76 -13.21 25.85
C ILE A 44 -1.59 -13.23 26.83
N SER A 45 -1.86 -13.43 28.12
CA SER A 45 -0.76 -13.38 29.08
C SER A 45 0.20 -14.55 28.90
N GLU A 46 -0.24 -15.63 28.25
CA GLU A 46 0.62 -16.78 27.98
C GLU A 46 1.44 -16.63 26.71
N MET A 47 1.08 -15.70 25.83
CA MET A 47 1.82 -15.48 24.59
C MET A 47 3.08 -14.66 24.84
N ASP A 48 4.09 -14.90 24.01
CA ASP A 48 5.24 -13.99 23.96
C ASP A 48 4.93 -12.81 23.02
N ILE A 49 5.85 -11.85 23.00
CA ILE A 49 5.59 -10.61 22.27
C ILE A 49 5.52 -10.87 20.76
N THR A 50 6.28 -11.85 20.27
CA THR A 50 6.30 -12.09 18.82
C THR A 50 4.99 -12.70 18.35
N THR A 51 4.56 -13.79 18.98
CA THR A 51 3.25 -14.37 18.70
C THR A 51 2.16 -13.32 18.75
N PHE A 52 2.12 -12.55 19.84
CA PHE A 52 1.15 -11.47 19.99
C PHE A 52 1.20 -10.52 18.80
N THR A 53 2.40 -10.07 18.42
CA THR A 53 2.53 -9.16 17.28
C THR A 53 2.02 -9.81 16.00
N GLN A 54 2.40 -11.06 15.74
CA GLN A 54 2.00 -11.74 14.52
C GLN A 54 0.48 -11.89 14.42
N LEU A 55 -0.18 -12.14 15.55
CA LEU A 55 -1.63 -12.32 15.53
C LEU A 55 -2.35 -11.00 15.31
N LEU A 56 -1.81 -9.89 15.82
CA LEU A 56 -2.36 -8.59 15.47
C LEU A 56 -2.19 -8.31 13.99
N ILE A 57 -1.01 -8.61 13.45
CA ILE A 57 -0.82 -8.43 12.01
C ILE A 57 -1.72 -9.37 11.21
N GLN A 58 -1.96 -10.58 11.74
CA GLN A 58 -2.80 -11.54 11.04
C GLN A 58 -4.25 -11.08 10.94
N SER A 59 -4.67 -10.11 11.77
CA SER A 59 -6.04 -9.60 11.71
C SER A 59 -6.30 -8.76 10.46
N LYS A 60 -5.26 -8.41 9.70
CA LYS A 60 -5.44 -7.78 8.41
C LYS A 60 -6.29 -8.67 7.50
N LYS A 61 -7.05 -8.01 6.60
CA LYS A 61 -7.81 -8.68 5.55
C LYS A 61 -7.15 -8.44 4.20
N PRO A 62 -7.35 -9.34 3.22
CA PRO A 62 -6.76 -9.10 1.89
C PRO A 62 -7.13 -7.73 1.30
N GLN A 63 -8.40 -7.35 1.40
CA GLN A 63 -8.87 -6.08 0.84
C GLN A 63 -9.63 -5.30 1.89
N VAL A 64 -9.14 -4.10 2.21
CA VAL A 64 -9.84 -3.16 3.08
C VAL A 64 -9.73 -1.75 2.50
N PHE A 65 -10.80 -0.96 2.62
CA PHE A 65 -10.75 0.45 2.22
C PHE A 65 -10.79 1.28 3.49
N ALA A 66 -9.61 1.52 4.07
CA ALA A 66 -9.51 2.13 5.40
C ALA A 66 -9.99 3.57 5.40
N GLU A 67 -9.89 4.28 4.26
CA GLU A 67 -10.30 5.67 4.25
C GLU A 67 -11.81 5.83 4.36
N SER A 68 -12.55 4.78 4.19
CA SER A 68 -14.01 4.94 4.12
C SER A 68 -14.78 3.96 4.98
N GLN A 69 -14.34 2.70 5.05
CA GLN A 69 -15.16 1.64 5.62
C GLN A 69 -14.56 1.03 6.88
N VAL A 70 -13.80 1.81 7.64
CA VAL A 70 -13.26 1.40 8.93
C VAL A 70 -13.72 2.41 9.96
N TYR A 71 -14.14 1.91 11.14
CA TYR A 71 -14.79 2.77 12.13
C TYR A 71 -13.93 3.12 13.33
N HIS A 72 -12.78 2.45 13.52
CA HIS A 72 -11.82 2.80 14.58
C HIS A 72 -12.41 2.70 15.98
N ASP A 73 -13.46 1.91 16.17
CA ASP A 73 -14.15 1.89 17.45
C ASP A 73 -14.23 0.49 18.07
N GLY A 74 -13.37 -0.42 17.63
CA GLY A 74 -13.42 -1.78 18.11
C GLY A 74 -14.40 -2.69 17.39
N THR A 75 -15.38 -2.14 16.65
CA THR A 75 -16.20 -3.03 15.83
C THR A 75 -15.42 -3.58 14.65
N ASP A 76 -14.26 -3.00 14.34
CA ASP A 76 -13.29 -3.65 13.45
C ASP A 76 -11.90 -3.61 14.09
N TRP A 77 -11.34 -2.42 14.29
CA TRP A 77 -10.07 -2.25 14.97
C TRP A 77 -10.17 -1.06 15.92
N THR A 78 -9.34 -1.06 16.94
CA THR A 78 -9.26 0.11 17.83
C THR A 78 -8.16 1.05 17.34
N LEU A 79 -8.19 2.29 17.85
CA LEU A 79 -7.15 3.23 17.53
C LEU A 79 -5.79 2.73 18.01
N GLU A 80 -5.76 2.06 19.18
CA GLU A 80 -4.50 1.53 19.70
C GLU A 80 -3.92 0.49 18.75
N GLU A 81 -4.77 -0.35 18.17
CA GLU A 81 -4.28 -1.33 17.20
C GLU A 81 -3.85 -0.62 15.90
N GLU A 82 -4.63 0.38 15.49
CA GLU A 82 -4.38 1.11 14.25
C GLU A 82 -3.03 1.83 14.28
N SER A 83 -2.66 2.38 15.45
CA SER A 83 -1.36 3.05 15.60
C SER A 83 -0.21 2.11 15.36
N ILE A 84 -0.38 0.85 15.75
CA ILE A 84 0.62 -0.18 15.52
C ILE A 84 0.62 -0.62 14.06
N LEU A 85 -0.56 -0.97 13.55
CA LEU A 85 -0.65 -1.61 12.24
C LEU A 85 -0.18 -0.68 11.13
N GLY A 86 -0.44 0.62 11.25
CA GLY A 86 0.06 1.57 10.26
C GLY A 86 1.57 1.68 10.22
N ASP A 87 2.25 1.35 11.33
CA ASP A 87 3.72 1.36 11.36
C ASP A 87 4.33 0.07 10.81
N VAL A 88 3.55 -1.00 10.64
CA VAL A 88 4.13 -2.26 10.18
C VAL A 88 4.38 -2.20 8.67
N SER A 89 5.61 -2.51 8.26
CA SER A 89 5.99 -2.63 6.86
C SER A 89 6.31 -4.09 6.56
N VAL A 90 6.41 -4.41 5.28
CA VAL A 90 6.75 -5.79 4.89
C VAL A 90 7.50 -5.74 3.58
N ASN A 91 8.59 -6.52 3.49
CA ASN A 91 9.34 -6.56 2.26
C ASN A 91 9.38 -7.99 1.74
N MET A 92 9.75 -8.11 0.48
CA MET A 92 9.83 -9.41 -0.16
C MET A 92 10.60 -9.28 -1.46
N PRO A 93 11.32 -10.31 -1.87
CA PRO A 93 11.84 -10.34 -3.23
C PRO A 93 10.71 -10.57 -4.23
N VAL A 94 10.83 -9.95 -5.40
CA VAL A 94 9.81 -10.05 -6.42
C VAL A 94 10.45 -10.20 -7.79
N THR A 95 9.75 -10.90 -8.67
CA THR A 95 9.93 -10.72 -10.10
C THR A 95 9.00 -9.59 -10.56
N MET A 96 9.55 -8.64 -11.32
CA MET A 96 8.78 -7.52 -11.85
C MET A 96 8.51 -7.78 -13.33
N TYR A 97 7.25 -8.00 -13.67
CA TYR A 97 6.87 -8.38 -15.02
C TYR A 97 6.60 -7.18 -15.93
N ASN A 98 6.27 -6.03 -15.36
CA ASN A 98 6.12 -4.82 -16.17
C ASN A 98 6.61 -3.63 -15.35
N ASP A 99 6.53 -2.45 -15.94
CA ASP A 99 7.13 -1.25 -15.36
C ASP A 99 6.26 -0.60 -14.28
N GLY A 100 5.07 -1.12 -14.03
CA GLY A 100 4.19 -0.57 -13.01
C GLY A 100 3.27 0.54 -13.45
N GLY A 101 3.19 0.82 -14.75
CA GLY A 101 2.28 1.85 -15.22
C GLY A 101 0.83 1.46 -14.95
N HIS A 102 0.05 2.43 -14.51
CA HIS A 102 -1.32 2.19 -14.09
C HIS A 102 -2.22 2.06 -15.32
N GLY A 103 -3.34 1.37 -15.13
CA GLY A 103 -4.30 1.20 -16.20
C GLY A 103 -3.72 0.45 -17.38
N SER A 104 -4.01 0.98 -18.57
CA SER A 104 -3.54 0.36 -19.80
C SER A 104 -2.17 0.89 -20.22
N SER A 105 -1.53 1.68 -19.38
CA SER A 105 -0.27 2.33 -19.74
C SER A 105 0.96 1.48 -19.48
N PHE A 106 0.80 0.34 -18.82
CA PHE A 106 1.96 -0.46 -18.42
C PHE A 106 2.71 -0.94 -19.65
N LYS A 107 4.01 -1.14 -19.47
CA LYS A 107 4.86 -1.75 -20.48
C LYS A 107 5.49 -3.00 -19.90
N ASN A 108 5.30 -4.13 -20.58
CA ASN A 108 5.92 -5.39 -20.15
C ASN A 108 7.43 -5.35 -20.33
N HIS A 109 8.15 -5.93 -19.40
CA HIS A 109 9.59 -6.13 -19.56
C HIS A 109 9.83 -7.32 -20.49
N PRO A 110 10.67 -7.16 -21.53
CA PRO A 110 11.05 -8.31 -22.37
C PRO A 110 11.42 -9.54 -21.55
N LYS A 111 12.39 -9.41 -20.66
CA LYS A 111 12.60 -10.41 -19.65
C LYS A 111 12.33 -9.80 -18.28
N PRO A 112 11.43 -10.38 -17.49
CA PRO A 112 11.13 -9.83 -16.17
C PRO A 112 12.39 -9.59 -15.35
N ILE A 113 12.37 -8.53 -14.54
CA ILE A 113 13.53 -8.17 -13.75
C ILE A 113 13.30 -8.59 -12.29
N SER A 114 14.38 -8.83 -11.58
CA SER A 114 14.32 -9.23 -10.18
C SER A 114 14.62 -8.02 -9.29
N GLY A 115 13.89 -7.95 -8.20
CA GLY A 115 14.04 -6.85 -7.27
C GLY A 115 13.29 -7.12 -5.99
N TYR A 116 12.83 -6.06 -5.32
CA TYR A 116 12.24 -6.14 -4.01
C TYR A 116 11.15 -5.09 -3.90
N LEU A 117 10.11 -5.44 -3.13
CA LEU A 117 9.08 -4.49 -2.73
C LEU A 117 9.14 -4.30 -1.22
N ALA A 118 8.88 -3.07 -0.78
CA ALA A 118 8.77 -2.72 0.63
C ALA A 118 7.42 -2.03 0.78
N TYR A 119 6.41 -2.76 1.29
CA TYR A 119 5.08 -2.19 1.49
C TYR A 119 5.08 -1.37 2.77
N VAL A 120 4.69 -0.10 2.68
CA VAL A 120 4.73 0.83 3.81
C VAL A 120 3.44 1.63 3.82
N PRO A 121 2.67 1.60 4.89
CA PRO A 121 1.40 2.37 4.90
C PRO A 121 1.68 3.84 5.09
N GLY A 122 0.98 4.66 4.32
CA GLY A 122 1.11 6.09 4.46
C GLY A 122 0.29 6.62 5.60
N ALA A 123 0.43 7.92 5.84
CA ALA A 123 -0.40 8.57 6.86
C ALA A 123 -1.87 8.45 6.46
N LEU A 124 -2.68 7.86 7.33
CA LEU A 124 -4.12 7.73 7.07
C LEU A 124 -4.79 9.02 7.53
N LEU A 125 -5.05 9.92 6.59
CA LEU A 125 -5.57 11.26 6.88
C LEU A 125 -6.98 11.41 6.34
N ALA A 126 -7.68 10.29 6.14
CA ALA A 126 -9.07 10.25 5.73
C ALA A 126 -9.80 9.21 6.57
N SER A 127 -11.09 9.45 6.79
CA SER A 127 -11.92 8.50 7.54
C SER A 127 -13.38 8.66 7.16
N GLY A 128 -14.10 7.55 7.24
CA GLY A 128 -15.54 7.55 7.05
C GLY A 128 -16.24 7.97 8.32
N SER A 129 -15.63 7.70 9.46
CA SER A 129 -16.22 7.96 10.77
C SER A 129 -15.34 8.91 11.58
N GLY A 130 -15.00 8.56 12.81
CA GLY A 130 -14.11 9.38 13.60
C GLY A 130 -12.69 9.60 13.13
N PRO A 131 -11.99 10.50 13.84
CA PRO A 131 -10.58 10.75 13.52
C PRO A 131 -9.72 9.50 13.69
N THR A 132 -8.71 9.40 12.84
CA THR A 132 -7.76 8.29 12.86
C THR A 132 -6.62 8.57 13.83
N SER A 133 -5.87 7.51 14.14
CA SER A 133 -4.64 7.67 14.90
C SER A 133 -3.68 8.64 14.19
N ASP A 134 -3.51 8.49 12.88
CA ASP A 134 -2.54 9.34 12.17
C ASP A 134 -2.99 10.80 12.14
N MET A 135 -4.31 11.03 12.04
CA MET A 135 -4.84 12.38 12.16
C MET A 135 -4.50 13.00 13.50
N LYS A 136 -4.66 12.24 14.60
CA LYS A 136 -4.29 12.73 15.91
C LYS A 136 -2.78 12.97 15.99
N GLU A 137 -1.99 12.12 15.31
CA GLU A 137 -0.54 12.24 15.46
C GLU A 137 0.00 13.49 14.77
N VAL A 138 -0.46 13.80 13.56
CA VAL A 138 0.26 14.75 12.71
C VAL A 138 -0.53 16.03 12.45
N LEU A 139 -1.76 16.15 12.94
CA LEU A 139 -2.55 17.37 12.75
C LEU A 139 -2.61 18.17 14.05
N ASP A 140 -2.39 19.47 13.95
CA ASP A 140 -2.55 20.40 15.06
C ASP A 140 -3.75 21.27 14.72
N ASN A 141 -4.89 20.96 15.33
CA ASN A 141 -6.13 21.74 15.15
C ASN A 141 -6.51 21.80 13.67
N GLY A 142 -6.41 20.65 13.00
CA GLY A 142 -6.78 20.54 11.62
C GLY A 142 -5.66 20.82 10.62
N LYS A 143 -4.53 21.36 11.06
CA LYS A 143 -3.47 21.79 10.14
C LYS A 143 -2.33 20.76 10.14
N LEU A 144 -1.75 20.55 8.97
CA LEU A 144 -0.69 19.57 8.83
C LEU A 144 0.58 20.08 9.51
N ASN A 145 1.17 19.26 10.36
CA ASN A 145 2.46 19.56 10.98
C ASN A 145 3.55 18.78 10.25
N GLN A 146 4.46 19.51 9.59
CA GLN A 146 5.49 18.86 8.79
C GLN A 146 6.43 18.03 9.67
N ASP A 147 6.86 18.58 10.81
CA ASP A 147 7.78 17.84 11.68
C ASP A 147 7.16 16.57 12.21
N LYS A 148 5.87 16.60 12.53
CA LYS A 148 5.20 15.40 13.00
C LYS A 148 5.07 14.37 11.88
N LEU A 149 4.71 14.83 10.67
CA LEU A 149 4.64 13.93 9.52
C LEU A 149 6.00 13.32 9.21
N ASN A 150 7.06 14.14 9.24
CA ASN A 150 8.41 13.60 9.11
C ASN A 150 8.64 12.46 10.09
N ALA A 151 8.35 12.70 11.36
CA ALA A 151 8.59 11.68 12.37
C ALA A 151 7.80 10.42 12.06
N LEU A 152 6.57 10.56 11.56
CA LEU A 152 5.78 9.39 11.23
C LEU A 152 6.42 8.58 10.11
N TYR A 153 6.78 9.26 9.01
CA TYR A 153 7.36 8.51 7.89
C TYR A 153 8.73 7.97 8.25
N GLU A 154 9.48 8.69 9.08
CA GLU A 154 10.76 8.18 9.57
C GLU A 154 10.57 6.88 10.33
N ARG A 155 9.56 6.84 11.20
CA ARG A 155 9.26 5.63 11.97
C ARG A 155 8.96 4.46 11.04
N ARG A 156 8.22 4.72 9.95
CA ARG A 156 7.73 3.62 9.11
C ARG A 156 8.72 3.21 8.03
N LEU A 157 9.48 4.15 7.49
CA LEU A 157 10.39 3.88 6.37
C LEU A 157 11.80 3.47 6.81
N LEU A 158 12.33 4.06 7.87
CA LEU A 158 13.71 3.76 8.26
C LEU A 158 14.02 2.26 8.41
N PRO A 159 13.17 1.43 9.04
CA PRO A 159 13.49 0.00 9.08
C PRO A 159 13.71 -0.62 7.71
N GLN A 160 12.96 -0.18 6.68
CA GLN A 160 13.16 -0.74 5.35
C GLN A 160 14.42 -0.18 4.71
N LEU A 161 14.74 1.11 4.92
CA LEU A 161 15.99 1.64 4.39
C LEU A 161 17.19 0.92 5.01
N ILE A 162 17.13 0.64 6.32
CA ILE A 162 18.20 -0.09 7.01
C ILE A 162 18.30 -1.50 6.44
N HIS A 163 17.15 -2.15 6.25
CA HIS A 163 17.14 -3.50 5.70
C HIS A 163 17.82 -3.57 4.33
N PHE A 164 17.53 -2.61 3.45
CA PHE A 164 18.09 -2.69 2.10
C PHE A 164 19.45 -2.02 1.99
N ASN A 165 19.86 -1.18 2.95
CA ASN A 165 21.26 -0.81 3.03
C ASN A 165 22.14 -2.04 3.24
N GLU A 166 21.76 -2.88 4.20
CA GLU A 166 22.52 -4.08 4.51
C GLU A 166 22.40 -5.13 3.41
N LEU A 167 21.22 -5.25 2.78
CA LEU A 167 21.10 -6.24 1.71
C LEU A 167 21.87 -5.83 0.46
N ALA A 168 21.94 -4.54 0.15
CA ALA A 168 22.79 -4.12 -0.95
C ALA A 168 24.25 -4.46 -0.65
N ARG A 169 24.69 -4.24 0.60
CA ARG A 169 26.05 -4.61 1.01
C ARG A 169 26.31 -6.10 0.77
N GLN A 170 25.41 -6.95 1.28
CA GLN A 170 25.56 -8.40 1.15
C GLN A 170 25.64 -8.84 -0.31
N ASN A 171 25.02 -8.08 -1.21
CA ASN A 171 25.04 -8.37 -2.63
C ASN A 171 26.15 -7.64 -3.37
N GLU A 172 27.00 -6.91 -2.64
CA GLU A 172 28.11 -6.14 -3.22
C GLU A 172 27.63 -5.16 -4.29
N LYS A 173 26.47 -4.56 -4.05
CA LYS A 173 25.90 -3.54 -4.92
C LYS A 173 25.49 -2.34 -4.08
N GLN A 174 24.92 -1.35 -4.75
CA GLN A 174 24.21 -0.26 -4.12
C GLN A 174 22.71 -0.45 -4.34
N ALA A 175 21.90 0.36 -3.66
CA ALA A 175 20.46 0.29 -3.81
C ALA A 175 19.94 1.46 -4.62
N ALA A 176 19.08 1.17 -5.59
CA ALA A 176 18.24 2.16 -6.24
C ALA A 176 16.81 1.94 -5.77
N ILE A 177 16.18 2.99 -5.23
CA ILE A 177 14.86 2.90 -4.63
C ILE A 177 13.89 3.84 -5.34
N THR A 178 12.80 3.29 -5.87
CA THR A 178 11.72 4.07 -6.45
C THR A 178 10.60 4.26 -5.42
N ILE A 179 10.07 5.47 -5.34
CA ILE A 179 9.08 5.76 -4.30
C ILE A 179 7.92 6.51 -4.94
N PRO A 180 6.67 6.13 -4.68
CA PRO A 180 5.53 6.87 -5.21
C PRO A 180 5.12 8.01 -4.29
N GLY A 181 4.03 8.69 -4.62
CA GLY A 181 3.48 9.69 -3.73
C GLY A 181 2.65 9.06 -2.63
N ILE A 182 3.33 8.38 -1.69
CA ILE A 182 2.67 7.64 -0.63
C ILE A 182 1.80 8.58 0.19
N GLY A 183 0.55 8.17 0.43
CA GLY A 183 -0.37 8.95 1.23
C GLY A 183 -0.99 10.17 0.55
N THR A 184 -0.68 10.43 -0.71
CA THR A 184 -1.18 11.62 -1.38
C THR A 184 -2.41 11.35 -2.25
N GLY A 185 -2.90 10.11 -2.29
CA GLY A 185 -4.13 9.80 -3.01
C GLY A 185 -5.30 9.53 -2.07
N CYS A 186 -5.79 8.28 -2.03
CA CYS A 186 -6.91 7.93 -1.16
C CYS A 186 -6.64 8.31 0.30
N PHE A 187 -5.40 8.19 0.77
CA PHE A 187 -5.20 8.38 2.20
C PHE A 187 -5.11 9.86 2.58
N SER A 188 -5.11 10.77 1.61
CA SER A 188 -4.90 12.18 1.93
C SER A 188 -6.17 12.88 2.39
N GLY A 189 -7.34 12.33 2.08
CA GLY A 189 -8.58 12.93 2.54
C GLY A 189 -8.67 14.39 2.18
N ALA A 190 -9.03 15.21 3.17
CA ALA A 190 -9.19 16.64 2.96
C ALA A 190 -7.87 17.36 2.67
N TYR A 191 -6.72 16.69 2.81
CA TYR A 191 -5.43 17.34 2.60
C TYR A 191 -4.89 17.12 1.20
N TYR A 192 -5.69 16.51 0.33
CA TYR A 192 -5.33 16.25 -1.06
C TYR A 192 -4.60 17.40 -1.75
N ASP A 193 -5.00 18.64 -1.46
CA ASP A 193 -4.52 19.79 -2.21
C ASP A 193 -3.21 20.36 -1.69
N VAL A 194 -2.79 20.00 -0.48
CA VAL A 194 -1.56 20.52 0.11
C VAL A 194 -0.54 19.44 0.40
N ILE A 195 -0.93 18.16 0.36
CA ILE A 195 -0.09 17.09 0.94
C ILE A 195 1.18 16.83 0.13
N LYS A 196 1.20 17.15 -1.16
CA LYS A 196 2.32 16.71 -2.01
C LYS A 196 3.67 17.20 -1.53
N PRO A 197 3.92 18.50 -1.32
CA PRO A 197 5.25 18.90 -0.82
C PRO A 197 5.53 18.39 0.58
N TYR A 198 4.51 18.10 1.39
CA TYR A 198 4.77 17.57 2.72
C TYR A 198 5.44 16.20 2.64
N VAL A 199 4.94 15.34 1.76
CA VAL A 199 5.53 14.01 1.61
C VAL A 199 6.93 14.10 1.02
N ARG A 200 7.14 14.92 -0.01
CA ARG A 200 8.48 15.12 -0.55
C ARG A 200 9.43 15.57 0.56
N ASN A 201 9.01 16.56 1.34
CA ASN A 201 9.84 17.09 2.41
C ASN A 201 10.15 16.01 3.44
N ALA A 202 9.17 15.15 3.75
CA ALA A 202 9.41 14.06 4.69
C ALA A 202 10.46 13.10 4.17
N LEU A 203 10.40 12.74 2.88
CA LEU A 203 11.41 11.86 2.32
C LEU A 203 12.80 12.51 2.38
N ILE A 204 12.89 13.82 2.14
CA ILE A 204 14.19 14.48 2.17
C ILE A 204 14.74 14.51 3.58
N HIS A 205 13.87 14.75 4.56
CA HIS A 205 14.31 14.81 5.95
C HIS A 205 14.84 13.46 6.43
N ILE A 206 14.15 12.37 6.09
CA ILE A 206 14.61 11.06 6.53
C ILE A 206 16.00 10.77 5.95
N LEU A 207 16.16 10.98 4.65
CA LEU A 207 17.42 10.68 3.98
C LEU A 207 18.57 11.53 4.52
N GLU A 208 18.32 12.84 4.72
CA GLU A 208 19.35 13.72 5.24
C GLU A 208 19.71 13.37 6.67
N LYS A 209 18.70 13.11 7.51
CA LYS A 209 18.99 12.81 8.91
C LYS A 209 19.80 11.53 9.05
N HIS A 210 19.46 10.50 8.27
CA HIS A 210 20.07 9.19 8.43
C HIS A 210 21.07 8.83 7.33
N LYS A 211 21.54 9.82 6.55
CA LYS A 211 22.45 9.53 5.44
C LYS A 211 23.66 8.72 5.88
N ASP A 212 24.18 8.95 7.09
CA ASP A 212 25.39 8.24 7.51
C ASP A 212 25.14 6.80 7.87
N SER A 213 23.87 6.42 8.10
CA SER A 213 23.47 5.03 8.32
C SER A 213 23.16 4.30 7.03
N LEU A 214 23.16 4.98 5.89
CA LEU A 214 22.75 4.37 4.62
C LEU A 214 23.83 4.45 3.54
N PRO A 215 25.08 4.10 3.82
CA PRO A 215 26.11 4.30 2.79
C PRO A 215 25.89 3.47 1.54
N TYR A 216 25.10 2.39 1.63
CA TYR A 216 24.87 1.56 0.44
C TYR A 216 23.61 1.93 -0.30
N ILE A 217 22.83 2.89 0.20
CA ILE A 217 21.75 3.49 -0.60
C ILE A 217 22.38 4.52 -1.52
N ASP A 218 22.05 4.45 -2.81
CA ASP A 218 22.66 5.33 -3.82
C ASP A 218 21.64 6.26 -4.45
N ILE A 219 20.65 5.76 -5.18
CA ILE A 219 19.72 6.56 -5.96
C ILE A 219 18.33 6.43 -5.37
N ILE A 220 17.64 7.56 -5.20
CA ILE A 220 16.24 7.59 -4.78
C ILE A 220 15.43 8.25 -5.90
N HIS A 221 14.48 7.51 -6.45
CA HIS A 221 13.62 7.95 -7.56
C HIS A 221 12.22 8.18 -7.00
N TYR A 222 11.92 9.44 -6.66
CA TYR A 222 10.65 9.83 -6.10
C TYR A 222 9.74 10.33 -7.21
N ASP A 223 8.63 9.63 -7.45
CA ASP A 223 7.70 9.94 -8.53
C ASP A 223 6.33 10.17 -7.91
N PRO A 224 6.00 11.43 -7.52
CA PRO A 224 4.65 11.73 -7.03
C PRO A 224 3.56 11.69 -8.11
N TYR A 225 3.93 11.39 -9.36
CA TYR A 225 3.03 11.40 -10.51
C TYR A 225 2.64 12.80 -10.95
N MET A 226 2.13 13.62 -10.04
CA MET A 226 1.67 14.98 -10.35
C MET A 226 1.79 15.80 -9.08
N GLY A 227 1.71 17.13 -9.23
CA GLY A 227 1.69 18.00 -8.08
C GLY A 227 3.04 18.36 -7.50
N ASP A 228 4.11 18.17 -8.25
CA ASP A 228 5.45 18.48 -7.77
C ASP A 228 6.34 18.78 -8.97
N GLU A 229 7.38 19.45 -8.73
CA GLU A 229 8.17 19.85 -9.88
C GLU A 229 9.40 18.97 -10.04
N PRO A 230 9.82 18.70 -11.28
CA PRO A 230 11.01 17.88 -11.47
C PRO A 230 12.21 18.54 -10.81
N ALA A 231 13.07 17.72 -10.23
CA ALA A 231 14.17 18.25 -9.42
C ALA A 231 15.14 17.13 -9.12
N GLU A 232 16.38 17.51 -8.82
CA GLU A 232 17.41 16.57 -8.38
C GLU A 232 18.23 17.25 -7.30
N LYS A 233 18.56 16.49 -6.26
CA LYS A 233 19.12 17.03 -5.03
C LYS A 233 20.13 16.01 -4.51
N LYS A 234 21.33 16.45 -4.17
CA LYS A 234 22.28 15.57 -3.53
C LYS A 234 22.02 15.58 -2.03
N ILE A 235 21.85 14.40 -1.46
CA ILE A 235 21.58 14.24 -0.04
C ILE A 235 22.69 13.36 0.50
N GLY A 236 23.69 13.97 1.15
CA GLY A 236 24.88 13.20 1.49
C GLY A 236 25.47 12.63 0.21
N HIS A 237 25.72 11.32 0.23
CA HIS A 237 26.22 10.61 -0.95
C HIS A 237 25.12 10.24 -1.93
N MET A 238 23.85 10.49 -1.61
CA MET A 238 22.75 9.92 -2.37
C MET A 238 22.26 10.89 -3.43
N SER A 239 21.74 10.36 -4.52
CA SER A 239 21.07 11.15 -5.54
C SER A 239 19.56 10.97 -5.40
N PHE A 240 18.88 12.08 -5.07
CA PHE A 240 17.44 12.10 -4.84
C PHE A 240 16.79 12.88 -5.98
N ARG A 241 15.99 12.20 -6.80
CA ARG A 241 15.33 12.81 -7.94
C ARG A 241 13.82 12.86 -7.72
N VAL A 242 13.23 14.02 -7.98
CA VAL A 242 11.78 14.18 -8.09
C VAL A 242 11.44 14.08 -9.57
N SER A 243 10.65 13.08 -9.93
CA SER A 243 10.41 12.69 -11.32
C SER A 243 8.95 12.33 -11.51
N PRO A 244 8.04 13.32 -11.53
CA PRO A 244 6.60 13.04 -11.69
C PRO A 244 6.27 12.62 -13.10
N SER A 245 5.91 11.34 -13.27
CA SER A 245 5.72 10.80 -14.61
C SER A 245 4.44 11.30 -15.27
N GLY A 246 3.58 11.97 -14.53
CA GLY A 246 2.43 12.64 -15.11
C GLY A 246 2.71 14.02 -15.65
N VAL A 247 3.85 14.62 -15.30
CA VAL A 247 4.21 15.91 -15.86
C VAL A 247 5.43 15.81 -16.78
N VAL A 248 6.32 14.86 -16.56
CA VAL A 248 7.44 14.60 -17.47
C VAL A 248 7.14 13.31 -18.21
N ARG A 249 7.24 13.36 -19.53
CA ARG A 249 7.03 12.18 -20.36
C ARG A 249 8.32 11.37 -20.49
N GLY A 250 8.15 10.06 -20.71
CA GLY A 250 9.29 9.19 -20.90
C GLY A 250 10.18 8.94 -19.71
N THR A 251 9.64 9.02 -18.49
CA THR A 251 10.44 8.71 -17.30
C THR A 251 10.35 7.22 -16.96
N THR A 252 11.34 6.75 -16.21
CA THR A 252 11.35 5.34 -15.83
C THR A 252 10.21 5.05 -14.85
N GLY A 253 9.63 3.86 -14.98
CA GLY A 253 8.54 3.44 -14.13
C GLY A 253 9.02 3.04 -12.75
N GLN A 254 8.05 2.80 -11.86
CA GLN A 254 8.38 2.42 -10.49
C GLN A 254 9.05 1.06 -10.43
N LEU A 255 8.63 0.14 -11.29
CA LEU A 255 9.22 -1.20 -11.34
C LEU A 255 10.24 -1.29 -12.47
N ASP A 256 11.24 -0.42 -12.39
CA ASP A 256 12.27 -0.36 -13.41
C ASP A 256 13.46 0.42 -12.86
N TYR A 257 14.63 0.11 -13.39
CA TYR A 257 15.86 0.77 -12.94
C TYR A 257 15.82 2.25 -13.30
N PRO A 258 15.93 3.15 -12.34
CA PRO A 258 16.06 4.56 -12.71
C PRO A 258 17.41 4.83 -13.35
N LEU A 259 17.47 5.93 -14.10
CA LEU A 259 18.70 6.32 -14.81
C LEU A 259 19.91 6.31 -13.87
N GLY A 260 20.96 5.61 -14.30
CA GLY A 260 22.18 5.49 -13.53
C GLY A 260 22.30 4.19 -12.75
N SER A 261 21.27 3.34 -12.79
CA SER A 261 21.30 2.03 -12.15
C SER A 261 21.04 0.95 -13.19
N ASN A 262 21.46 -0.26 -12.87
CA ASN A 262 21.25 -1.42 -13.75
C ASN A 262 21.48 -2.67 -12.90
N PRO A 263 21.10 -3.84 -13.41
CA PRO A 263 21.14 -5.05 -12.56
C PRO A 263 22.53 -5.41 -12.06
N ASP A 264 23.59 -4.88 -12.67
CA ASP A 264 24.95 -5.26 -12.28
C ASP A 264 25.43 -4.47 -11.08
N THR A 265 25.02 -3.21 -10.97
CA THR A 265 25.54 -2.32 -9.94
C THR A 265 24.58 -2.10 -8.79
N HIS A 266 23.29 -2.38 -8.97
CA HIS A 266 22.28 -2.02 -8.01
C HIS A 266 21.31 -3.17 -7.77
N ILE A 267 20.79 -3.23 -6.54
CA ILE A 267 19.52 -3.94 -6.31
C ILE A 267 18.41 -2.92 -6.48
N LEU A 268 17.28 -3.36 -7.03
CA LEU A 268 16.16 -2.47 -7.29
C LEU A 268 15.07 -2.76 -6.26
N VAL A 269 14.66 -1.73 -5.53
CA VAL A 269 13.65 -1.80 -4.48
C VAL A 269 12.61 -0.74 -4.81
N SER A 270 11.33 -1.12 -4.74
CA SER A 270 10.25 -0.16 -4.85
C SER A 270 9.43 -0.15 -3.56
N ILE A 271 9.20 1.05 -3.03
CA ILE A 271 8.29 1.28 -1.93
C ILE A 271 6.85 1.23 -2.44
N VAL A 272 5.96 0.59 -1.71
CA VAL A 272 4.55 0.51 -2.07
C VAL A 272 3.74 1.26 -1.02
N ALA A 273 2.83 2.11 -1.48
CA ALA A 273 1.95 2.83 -0.57
C ALA A 273 0.90 1.84 -0.08
N TRP A 274 1.15 1.28 1.10
CA TRP A 274 0.40 0.15 1.63
C TRP A 274 -0.76 0.66 2.49
N ALA A 275 -1.29 -0.17 3.39
CA ALA A 275 -2.55 0.15 4.05
C ALA A 275 -2.61 -0.57 5.40
N HIS A 276 -2.96 0.16 6.43
CA HIS A 276 -2.99 -0.35 7.80
C HIS A 276 -3.59 -1.72 8.03
N PHE A 277 -4.69 -1.98 7.38
CA PHE A 277 -5.48 -3.16 7.72
C PHE A 277 -5.48 -4.20 6.61
N SER A 278 -4.64 -4.03 5.60
CA SER A 278 -4.75 -4.87 4.42
C SER A 278 -3.53 -5.76 4.26
N TRP A 279 -3.73 -6.88 3.57
CA TRP A 279 -2.62 -7.66 3.08
C TRP A 279 -1.86 -6.85 2.02
N PRO A 280 -0.61 -7.19 1.73
CA PRO A 280 0.12 -6.50 0.66
C PRO A 280 -0.57 -6.73 -0.68
N GLY A 281 -0.89 -5.63 -1.37
CA GLY A 281 -1.55 -5.71 -2.65
C GLY A 281 -2.93 -5.14 -2.59
N ASN A 282 -3.68 -5.41 -1.51
CA ASN A 282 -4.97 -4.81 -1.18
C ASN A 282 -5.79 -5.00 -2.45
N ASP A 283 -6.13 -3.90 -3.13
CA ASP A 283 -7.13 -3.87 -4.19
C ASP A 283 -7.04 -5.08 -5.10
N TYR A 284 -5.82 -5.54 -5.39
CA TYR A 284 -5.67 -6.60 -6.37
C TYR A 284 -6.14 -7.95 -5.83
N TRP A 285 -6.28 -8.13 -4.52
CA TRP A 285 -6.92 -9.35 -4.02
C TRP A 285 -8.36 -9.45 -4.53
N GLY A 286 -9.04 -8.32 -4.69
CA GLY A 286 -10.34 -8.30 -5.34
C GLY A 286 -10.28 -8.10 -6.85
N GLY A 287 -9.18 -8.50 -7.47
CA GLY A 287 -9.04 -8.51 -8.92
C GLY A 287 -8.84 -7.17 -9.58
N ALA A 288 -8.81 -6.07 -8.82
CA ALA A 288 -8.63 -4.74 -9.39
C ALA A 288 -7.15 -4.38 -9.39
N ARG A 289 -6.58 -4.25 -10.59
CA ARG A 289 -5.21 -3.72 -10.78
C ARG A 289 -5.31 -2.21 -10.66
N GLN A 290 -5.32 -1.72 -9.42
CA GLN A 290 -5.75 -0.36 -9.11
C GLN A 290 -5.05 0.11 -7.85
N THR A 291 -4.62 1.38 -7.87
CA THR A 291 -3.80 2.06 -6.86
C THR A 291 -2.36 1.56 -6.88
N ASP A 292 -1.45 2.35 -6.31
CA ASP A 292 -0.04 1.94 -6.22
C ASP A 292 0.08 0.54 -5.69
N ASP A 293 -0.67 0.24 -4.61
CA ASP A 293 -0.64 -1.04 -3.92
C ASP A 293 -1.10 -2.17 -4.84
N GLY A 294 -2.28 -2.02 -5.45
CA GLY A 294 -2.79 -3.07 -6.32
C GLY A 294 -2.01 -3.21 -7.62
N VAL A 295 -1.57 -2.10 -8.20
CA VAL A 295 -0.80 -2.18 -9.44
C VAL A 295 0.53 -2.90 -9.18
N LYS A 296 1.23 -2.50 -8.13
CA LYS A 296 2.54 -3.10 -7.90
C LYS A 296 2.42 -4.56 -7.54
N ALA A 297 1.41 -4.93 -6.74
CA ALA A 297 1.20 -6.33 -6.43
C ALA A 297 0.89 -7.13 -7.69
N ALA A 298 -0.02 -6.62 -8.51
CA ALA A 298 -0.43 -7.33 -9.72
C ALA A 298 0.71 -7.44 -10.72
N SER A 299 1.59 -6.46 -10.77
CA SER A 299 2.66 -6.43 -11.76
C SER A 299 3.91 -7.14 -11.27
N THR A 300 3.82 -7.86 -10.15
CA THR A 300 4.88 -8.67 -9.61
C THR A 300 4.31 -10.04 -9.23
N ASP A 301 5.15 -10.90 -8.66
CA ASP A 301 4.67 -12.12 -8.06
C ASP A 301 4.38 -11.97 -6.57
N THR A 302 4.01 -10.74 -6.14
CA THR A 302 3.62 -10.51 -4.75
C THR A 302 2.64 -11.58 -4.28
N MET A 303 1.59 -11.86 -5.03
CA MET A 303 0.58 -12.82 -4.60
C MET A 303 1.20 -14.23 -4.42
N GLY A 304 2.20 -14.58 -5.22
CA GLY A 304 2.84 -15.86 -5.01
C GLY A 304 3.68 -15.89 -3.74
N GLN A 305 4.33 -14.77 -3.41
CA GLN A 305 5.13 -14.72 -2.20
C GLN A 305 4.25 -14.79 -0.95
N VAL A 306 3.04 -14.24 -1.03
CA VAL A 306 2.15 -14.21 0.11
C VAL A 306 1.41 -15.53 0.28
N THR A 307 0.89 -16.09 -0.81
CA THR A 307 0.11 -17.32 -0.73
C THR A 307 0.98 -18.58 -0.79
N GLY A 308 2.21 -18.47 -1.29
CA GLY A 308 3.01 -19.65 -1.55
C GLY A 308 2.68 -20.36 -2.84
N ALA A 309 1.70 -19.89 -3.59
CA ALA A 309 1.26 -20.54 -4.82
C ALA A 309 2.02 -19.99 -6.02
N THR A 310 2.15 -20.82 -7.05
CA THR A 310 2.80 -20.41 -8.29
C THR A 310 1.75 -19.90 -9.26
N GLY A 311 1.66 -18.58 -9.41
CA GLY A 311 0.74 -17.96 -10.34
C GLY A 311 1.31 -17.90 -11.73
N VAL A 312 0.57 -17.23 -12.62
CA VAL A 312 0.92 -17.12 -14.04
C VAL A 312 0.77 -15.66 -14.45
N TYR A 313 1.82 -15.08 -15.02
CA TYR A 313 1.74 -13.71 -15.50
C TYR A 313 0.96 -13.66 -16.81
N ASP A 314 0.07 -12.68 -16.92
CA ASP A 314 -0.72 -12.47 -18.12
C ASP A 314 -0.26 -11.16 -18.78
N LYS A 315 0.36 -11.29 -19.95
CA LYS A 315 0.94 -10.13 -20.62
C LYS A 315 -0.14 -9.15 -21.09
N LYS A 316 -1.31 -9.67 -21.49
CA LYS A 316 -2.34 -8.83 -22.07
C LYS A 316 -2.85 -7.81 -21.06
N TRP A 317 -3.15 -8.25 -19.84
CA TRP A 317 -3.71 -7.39 -18.82
C TRP A 317 -2.69 -6.98 -17.77
N GLY A 318 -1.42 -7.31 -17.97
CA GLY A 318 -0.35 -6.85 -17.10
C GLY A 318 -0.48 -7.33 -15.66
N ARG A 319 -0.64 -8.64 -15.48
CA ARG A 319 -1.28 -9.19 -14.29
C ARG A 319 -0.73 -10.57 -13.96
N TYR A 320 -0.24 -10.74 -12.75
CA TYR A 320 0.07 -12.07 -12.20
C TYR A 320 -1.24 -12.71 -11.74
N MET A 321 -1.67 -13.78 -12.45
CA MET A 321 -2.98 -14.41 -12.21
C MET A 321 -2.86 -15.57 -11.23
N PRO A 322 -3.98 -16.02 -10.65
CA PRO A 322 -3.93 -17.20 -9.78
C PRO A 322 -3.48 -18.43 -10.55
N PRO A 323 -3.09 -19.49 -9.84
CA PRO A 323 -2.62 -20.70 -10.52
C PRO A 323 -3.68 -21.33 -11.41
N GLU A 324 -3.23 -21.91 -12.53
CA GLU A 324 -4.13 -22.62 -13.42
C GLU A 324 -4.83 -23.76 -12.68
N SER A 325 -4.12 -24.44 -11.77
CA SER A 325 -4.74 -25.49 -10.97
C SER A 325 -5.90 -24.97 -10.12
N PHE A 326 -6.06 -23.65 -10.03
CA PHE A 326 -7.16 -23.01 -9.35
C PHE A 326 -8.22 -22.50 -10.30
N THR A 327 -7.81 -21.79 -11.35
CA THR A 327 -8.78 -21.11 -12.22
C THR A 327 -9.45 -22.07 -13.22
N LYS A 328 -8.83 -23.21 -13.52
CA LYS A 328 -9.22 -24.00 -14.69
C LYS A 328 -10.66 -24.50 -14.57
N ASP A 329 -10.98 -25.17 -13.46
CA ASP A 329 -12.31 -25.76 -13.31
C ASP A 329 -13.37 -24.72 -12.99
N ARG A 330 -12.99 -23.52 -12.59
CA ARG A 330 -13.92 -22.60 -11.95
C ARG A 330 -14.84 -21.93 -12.97
N LYS A 331 -16.11 -21.82 -12.60
CA LYS A 331 -17.09 -21.09 -13.40
C LYS A 331 -17.27 -19.65 -12.94
N GLY A 332 -16.60 -19.26 -11.86
CA GLY A 332 -16.72 -17.90 -11.36
C GLY A 332 -15.81 -17.72 -10.17
N MET A 333 -15.87 -16.53 -9.58
CA MET A 333 -15.15 -16.19 -8.37
C MET A 333 -13.69 -16.62 -8.22
N SER A 334 -12.87 -16.33 -9.24
CA SER A 334 -11.52 -16.86 -9.32
C SER A 334 -10.37 -15.90 -9.09
N ASP A 335 -10.57 -14.77 -8.42
CA ASP A 335 -9.43 -13.89 -8.24
C ASP A 335 -8.66 -14.30 -6.97
N TRP A 336 -7.59 -13.57 -6.67
CA TRP A 336 -6.68 -14.04 -5.63
C TRP A 336 -7.35 -14.12 -4.26
N GLY A 337 -8.30 -13.23 -3.97
CA GLY A 337 -9.02 -13.28 -2.71
C GLY A 337 -9.91 -14.51 -2.60
N ASP A 338 -10.48 -14.96 -3.72
CA ASP A 338 -11.16 -16.25 -3.73
C ASP A 338 -10.19 -17.38 -3.45
N TYR A 339 -8.97 -17.27 -3.96
CA TYR A 339 -7.94 -18.26 -3.66
C TYR A 339 -7.65 -18.34 -2.17
N VAL A 340 -7.62 -17.19 -1.48
CA VAL A 340 -7.27 -17.23 -0.07
C VAL A 340 -8.44 -17.78 0.75
N ARG A 341 -9.67 -17.37 0.45
CA ARG A 341 -10.83 -17.94 1.13
C ARG A 341 -10.85 -19.46 0.99
N GLU A 342 -10.60 -19.95 -0.22
CA GLU A 342 -10.69 -21.38 -0.47
C GLU A 342 -9.58 -22.17 0.22
N ASN A 343 -8.40 -21.57 0.41
CA ASN A 343 -7.25 -22.30 0.90
C ASN A 343 -6.85 -21.92 2.32
N GLY A 344 -7.66 -21.12 3.02
CA GLY A 344 -7.37 -20.79 4.41
C GLY A 344 -6.05 -20.08 4.63
N ILE A 345 -5.58 -19.35 3.62
CA ILE A 345 -4.33 -18.61 3.71
C ILE A 345 -4.45 -17.51 4.77
N VAL A 346 -3.41 -17.35 5.59
CA VAL A 346 -3.32 -16.25 6.53
C VAL A 346 -2.05 -15.44 6.23
N PHE A 347 -2.07 -14.17 6.64
CA PHE A 347 -0.93 -13.27 6.51
C PHE A 347 -0.22 -13.29 7.86
N ASN A 348 0.81 -14.13 7.97
CA ASN A 348 1.59 -14.24 9.20
C ASN A 348 3.02 -14.58 8.80
N GLY A 349 3.98 -13.76 9.19
CA GLY A 349 5.36 -14.01 8.85
C GLY A 349 6.33 -13.56 9.91
N PRO A 350 7.62 -13.82 9.72
CA PRO A 350 8.62 -13.38 10.72
C PRO A 350 8.61 -11.86 10.88
N VAL A 351 8.96 -11.40 12.07
CA VAL A 351 8.96 -9.96 12.36
C VAL A 351 10.30 -9.58 12.98
N LEU A 352 10.87 -8.47 12.52
CA LEU A 352 12.04 -7.89 13.14
C LEU A 352 11.74 -6.44 13.49
N ALA A 353 12.40 -5.93 14.52
CA ALA A 353 12.25 -4.52 14.90
C ALA A 353 13.61 -3.83 14.92
N LEU A 354 13.60 -2.55 14.56
CA LEU A 354 14.81 -1.73 14.62
C LEU A 354 15.12 -1.44 16.09
N ASP A 355 16.38 -1.61 16.49
CA ASP A 355 16.70 -1.53 17.91
C ASP A 355 17.40 -0.20 18.23
N LYS A 356 17.77 -0.06 19.50
CA LYS A 356 18.45 1.14 20.00
C LYS A 356 19.66 1.51 19.14
N SER A 357 20.36 0.53 18.57
CA SER A 357 21.59 0.75 17.84
C SER A 357 21.37 0.85 16.33
N GLY A 358 20.12 0.85 15.87
CA GLY A 358 19.86 0.89 14.45
C GLY A 358 20.05 -0.42 13.73
N LYS A 359 19.99 -1.54 14.45
CA LYS A 359 20.06 -2.87 13.88
C LYS A 359 18.68 -3.52 13.94
N LEU A 360 18.38 -4.33 12.92
CA LEU A 360 17.18 -5.13 12.93
C LEU A 360 17.44 -6.42 13.68
N ASP A 361 16.49 -6.79 14.54
CA ASP A 361 16.68 -7.89 15.47
C ASP A 361 15.30 -8.38 15.92
N THR A 362 15.31 -9.49 16.65
CA THR A 362 14.07 -10.04 17.20
C THR A 362 13.44 -9.06 18.17
N LEU A 363 12.17 -9.30 18.47
CA LEU A 363 11.42 -8.40 19.33
C LEU A 363 11.72 -8.57 20.82
N GLU A 364 12.43 -9.62 21.21
CA GLU A 364 12.85 -9.76 22.60
C GLU A 364 14.36 -9.69 22.70
N SER B 2 -24.28 6.02 -26.50
CA SER B 2 -24.55 6.97 -25.43
C SER B 2 -25.72 6.54 -24.53
N MET B 3 -25.50 6.55 -23.21
CA MET B 3 -26.46 5.99 -22.26
C MET B 3 -26.23 6.64 -20.91
N GLN B 4 -27.06 6.24 -19.93
CA GLN B 4 -26.96 6.78 -18.59
C GLN B 4 -26.86 5.65 -17.57
N ILE B 5 -26.06 5.89 -16.53
CA ILE B 5 -25.87 4.96 -15.43
C ILE B 5 -26.11 5.74 -14.14
N PHE B 6 -26.20 5.00 -13.03
CA PHE B 6 -26.44 5.60 -11.72
C PHE B 6 -25.28 5.28 -10.79
N VAL B 7 -24.73 6.31 -10.15
CA VAL B 7 -23.68 6.15 -9.15
C VAL B 7 -24.26 6.52 -7.80
N LYS B 8 -24.47 5.51 -6.95
CA LYS B 8 -24.98 5.72 -5.61
C LYS B 8 -23.83 5.97 -4.64
N THR B 9 -23.99 6.95 -3.78
CA THR B 9 -23.10 7.18 -2.64
C THR B 9 -23.76 6.67 -1.36
N LEU B 10 -22.96 6.57 -0.31
CA LEU B 10 -23.40 5.99 0.97
C LEU B 10 -24.65 6.68 1.53
N GLY B 12 -28.61 7.32 -0.56
CA GLY B 12 -27.77 8.51 -0.65
C GLY B 12 -27.97 9.30 -1.93
N LYS B 13 -27.14 10.33 -2.12
CA LYS B 13 -27.22 11.18 -3.30
C LYS B 13 -26.80 10.37 -4.52
N THR B 14 -27.75 10.07 -5.40
CA THR B 14 -27.48 9.30 -6.61
C THR B 14 -27.08 10.25 -7.73
N ILE B 15 -25.90 10.04 -8.30
CA ILE B 15 -25.44 10.79 -9.46
C ILE B 15 -25.90 10.06 -10.71
N THR B 16 -26.51 10.79 -11.63
CA THR B 16 -26.80 10.30 -12.97
C THR B 16 -25.70 10.79 -13.90
N LEU B 17 -25.12 9.88 -14.67
CA LEU B 17 -24.05 10.22 -15.59
C LEU B 17 -24.47 9.90 -17.01
N GLU B 18 -23.93 10.66 -17.96
CA GLU B 18 -24.05 10.39 -19.39
C GLU B 18 -22.76 9.76 -19.88
N VAL B 19 -22.86 8.52 -20.38
CA VAL B 19 -21.68 7.72 -20.65
C VAL B 19 -21.87 6.93 -21.93
N GLU B 20 -20.76 6.40 -22.43
CA GLU B 20 -20.66 5.51 -23.57
C GLU B 20 -20.10 4.18 -23.12
N PRO B 21 -20.56 3.06 -23.70
CA PRO B 21 -19.95 1.76 -23.39
C PRO B 21 -18.44 1.75 -23.44
N SER B 22 -17.83 2.57 -24.28
CA SER B 22 -16.39 2.59 -24.46
C SER B 22 -15.67 3.49 -23.47
N ASP B 23 -16.39 4.27 -22.68
CA ASP B 23 -15.75 5.11 -21.66
C ASP B 23 -14.95 4.24 -20.69
N THR B 24 -13.69 4.63 -20.45
CA THR B 24 -12.89 3.99 -19.43
C THR B 24 -13.35 4.40 -18.04
N ILE B 25 -12.95 3.59 -17.04
CA ILE B 25 -13.31 3.92 -15.66
C ILE B 25 -12.77 5.29 -15.27
N GLU B 26 -11.54 5.62 -15.73
CA GLU B 26 -10.97 6.94 -15.40
C GLU B 26 -11.82 8.04 -15.98
N ASN B 27 -12.30 7.86 -17.21
CA ASN B 27 -13.26 8.76 -17.82
C ASN B 27 -14.49 8.94 -16.94
N VAL B 28 -15.09 7.82 -16.50
CA VAL B 28 -16.24 7.90 -15.61
C VAL B 28 -15.87 8.64 -14.32
N LYS B 29 -14.72 8.30 -13.74
CA LYS B 29 -14.29 8.99 -12.53
C LYS B 29 -14.14 10.50 -12.78
N ALA B 30 -13.63 10.88 -13.96
CA ALA B 30 -13.49 12.30 -14.26
C ALA B 30 -14.85 12.98 -14.34
N LYS B 31 -15.85 12.29 -14.91
CA LYS B 31 -17.19 12.85 -14.94
C LYS B 31 -17.74 13.04 -13.53
N ILE B 32 -17.42 12.11 -12.62
CA ILE B 32 -17.84 12.28 -11.23
C ILE B 32 -17.16 13.51 -10.62
N GLN B 33 -15.88 13.73 -10.94
CA GLN B 33 -15.18 14.91 -10.45
C GLN B 33 -15.83 16.20 -10.95
N ASP B 34 -16.15 16.25 -12.25
CA ASP B 34 -16.81 17.43 -12.80
C ASP B 34 -18.13 17.71 -12.10
N LYS B 35 -18.84 16.67 -11.70
CA LYS B 35 -20.16 16.82 -11.12
C LYS B 35 -20.13 16.93 -9.60
N GLU B 36 -19.10 16.39 -8.94
CA GLU B 36 -19.08 16.38 -7.48
C GLU B 36 -17.82 16.93 -6.84
N GLY B 37 -16.77 17.24 -7.61
CA GLY B 37 -15.55 17.79 -7.06
C GLY B 37 -14.65 16.79 -6.37
N ILE B 38 -14.98 15.50 -6.37
CA ILE B 38 -14.11 14.49 -5.76
C ILE B 38 -12.99 14.14 -6.72
N PRO B 39 -11.73 14.26 -6.33
CA PRO B 39 -10.63 13.87 -7.19
C PRO B 39 -10.70 12.39 -7.54
N PRO B 40 -10.37 12.03 -8.79
CA PRO B 40 -10.34 10.60 -9.15
C PRO B 40 -9.52 9.75 -8.20
N ASP B 41 -8.37 10.26 -7.75
CA ASP B 41 -7.50 9.54 -6.81
C ASP B 41 -8.22 9.11 -5.54
N GLN B 42 -9.32 9.77 -5.18
CA GLN B 42 -10.04 9.44 -3.96
C GLN B 42 -11.41 8.85 -4.25
N GLN B 43 -11.57 8.22 -5.43
CA GLN B 43 -12.80 7.60 -5.85
C GLN B 43 -12.58 6.10 -5.99
N ARG B 44 -13.38 5.30 -5.30
CA ARG B 44 -13.41 3.85 -5.51
C ARG B 44 -14.81 3.51 -6.02
N LEU B 45 -14.89 2.86 -7.18
CA LEU B 45 -16.15 2.54 -7.83
C LEU B 45 -16.34 1.03 -7.84
N ILE B 46 -17.52 0.60 -7.41
CA ILE B 46 -17.86 -0.82 -7.27
C ILE B 46 -19.06 -1.11 -8.16
N PHE B 47 -18.99 -2.23 -8.88
CA PHE B 47 -20.10 -2.74 -9.66
C PHE B 47 -20.18 -4.25 -9.47
N ALA B 48 -21.37 -4.76 -9.19
CA ALA B 48 -21.58 -6.19 -8.95
C ALA B 48 -20.56 -6.73 -7.93
N GLY B 49 -20.31 -5.94 -6.89
CA GLY B 49 -19.49 -6.39 -5.79
C GLY B 49 -17.99 -6.39 -6.05
N LYS B 50 -17.53 -5.80 -7.14
CA LYS B 50 -16.11 -5.77 -7.47
C LYS B 50 -15.69 -4.35 -7.78
N GLN B 51 -14.47 -3.99 -7.41
CA GLN B 51 -13.99 -2.64 -7.69
C GLN B 51 -13.60 -2.53 -9.15
N LEU B 52 -13.97 -1.40 -9.76
CA LEU B 52 -13.67 -1.13 -11.15
C LEU B 52 -12.32 -0.44 -11.26
N GLU B 53 -11.50 -0.89 -12.22
CA GLU B 53 -10.11 -0.49 -12.32
C GLU B 53 -9.89 0.42 -13.52
N ASP B 54 -8.90 1.31 -13.37
CA ASP B 54 -8.39 2.10 -14.49
C ASP B 54 -8.07 1.23 -15.69
N GLY B 55 -8.37 1.73 -16.88
CA GLY B 55 -7.93 1.12 -18.10
C GLY B 55 -8.90 0.14 -18.71
N ARG B 56 -9.91 -0.25 -17.96
CA ARG B 56 -11.03 -0.99 -18.51
C ARG B 56 -12.16 -0.03 -18.79
N THR B 57 -13.10 -0.48 -19.61
CA THR B 57 -14.27 0.28 -20.02
C THR B 57 -15.51 -0.28 -19.34
N LEU B 58 -16.54 0.56 -19.28
CA LEU B 58 -17.86 0.10 -18.86
C LEU B 58 -18.28 -1.15 -19.60
N SER B 59 -18.03 -1.21 -20.90
CA SER B 59 -18.32 -2.41 -21.68
C SER B 59 -17.62 -3.64 -21.10
N ASP B 60 -16.32 -3.51 -20.78
CA ASP B 60 -15.54 -4.64 -20.27
C ASP B 60 -16.22 -5.29 -19.06
N TYR B 61 -16.84 -4.49 -18.21
CA TYR B 61 -17.54 -5.01 -17.05
C TYR B 61 -19.00 -5.33 -17.34
N ASN B 62 -19.42 -5.27 -18.61
CA ASN B 62 -20.82 -5.51 -18.99
C ASN B 62 -21.77 -4.54 -18.27
N ILE B 63 -21.32 -3.31 -18.05
CA ILE B 63 -22.18 -2.28 -17.47
C ILE B 63 -23.04 -1.70 -18.58
N GLN B 64 -24.34 -1.87 -18.47
CA GLN B 64 -25.28 -1.49 -19.52
C GLN B 64 -26.15 -0.32 -19.05
N LYS B 65 -27.12 0.05 -19.89
CA LYS B 65 -27.92 1.24 -19.63
C LYS B 65 -28.65 1.12 -18.29
N GLU B 66 -28.62 2.22 -17.52
CA GLU B 66 -29.29 2.36 -16.25
C GLU B 66 -28.72 1.45 -15.16
N SER B 67 -27.48 0.98 -15.33
CA SER B 67 -26.81 0.23 -14.28
C SER B 67 -26.52 1.14 -13.10
N THR B 68 -26.49 0.56 -11.90
CA THR B 68 -26.14 1.29 -10.69
C THR B 68 -24.72 0.93 -10.28
N LEU B 69 -23.87 1.95 -10.16
CA LEU B 69 -22.54 1.81 -9.58
C LEU B 69 -22.57 2.36 -8.15
N HIS B 70 -21.58 1.95 -7.36
CA HIS B 70 -21.46 2.42 -6.00
C HIS B 70 -20.14 3.13 -5.82
N LEU B 71 -20.19 4.38 -5.37
CA LEU B 71 -19.00 5.16 -5.05
C LEU B 71 -18.74 5.05 -3.54
N VAL B 72 -17.51 4.65 -3.20
CA VAL B 72 -17.04 4.58 -1.81
C VAL B 72 -16.22 5.84 -1.51
N LEU B 73 -16.64 6.62 -0.52
CA LEU B 73 -15.93 7.84 -0.14
C LEU B 73 -15.70 7.88 1.37
N ARG B 74 -14.69 8.65 1.79
CA ARG B 74 -14.38 8.80 3.21
C ARG B 74 -15.55 9.34 4.05
N1 AR6 C . -0.70 6.60 -12.75
C2 AR6 C . 0.31 6.59 -11.86
N3 AR6 C . 0.24 7.10 -10.65
C4 AR6 C . -0.91 7.67 -10.23
C5 AR6 C . -2.07 7.72 -11.12
C6 AR6 C . -1.91 7.13 -12.45
N6 AR6 C . -2.93 7.12 -13.35
N7 AR6 C . -3.04 8.35 -10.44
C8 AR6 C . -2.53 8.66 -9.22
N9 AR6 C . -1.27 8.25 -9.10
PA AR6 C . -2.69 6.11 -3.75
PB AR6 C . -2.37 6.49 -0.95
C1' AR6 C . -0.36 8.41 -7.96
O1A AR6 C . -4.12 6.58 -3.67
O1B AR6 C . -2.95 7.83 -0.62
C1D AR6 C . -4.65 1.64 -1.78
O1D AR6 C . -5.90 0.94 -1.74
C2' AR6 C . -0.88 9.55 -7.10
O2' AR6 C . -0.43 10.81 -7.60
O2A AR6 C . -2.42 4.68 -4.14
O2B AR6 C . -1.31 5.91 -0.06
C2D AR6 C . -3.82 1.22 -0.60
O2D AR6 C . -4.11 -0.13 -0.24
C3' AR6 C . -0.25 9.23 -5.78
O3' AR6 C . 0.91 10.05 -5.69
O3A AR6 C . -1.82 6.49 -2.45
C3D AR6 C . -4.32 2.16 0.45
O3D AR6 C . -5.56 1.66 0.94
C4' AR6 C . 0.15 7.78 -5.83
O4' AR6 C . -0.28 7.28 -7.10
C4D AR6 C . -4.58 3.42 -0.32
O4D AR6 C . -4.90 3.03 -1.65
C5' AR6 C . -0.47 6.98 -4.69
O5' AR6 C . -1.89 7.02 -4.79
C5D AR6 C . -3.30 4.21 -0.33
O5D AR6 C . -3.57 5.43 -0.96
#